data_3FR9
#
_entry.id   3FR9
#
_cell.length_a   57.402
_cell.length_b   68.352
_cell.length_c   122.667
_cell.angle_alpha   90.00
_cell.angle_beta   90.00
_cell.angle_gamma   90.00
#
_symmetry.space_group_name_H-M   'P 21 21 21'
#
loop_
_entity.id
_entity.type
_entity.pdbx_description
1 polymer 'Glutathione S-transferase'
2 non-polymer GLUTATHIONE
3 non-polymer 'CHLORIDE ION'
4 water water
#
_entity_poly.entity_id   1
_entity_poly.type   'polypeptide(L)'
_entity_poly.pdbx_seq_one_letter_code
;MGDNIVLYYFDARGKAELIRLIFAYLGIEYTDKRFGVNGDAFVEFKNFKKEKDTPFEQVPILQIGDLILAQSQAIVRYLS
KKYNICGESELNEFYADMIFCGVQDIHYKFNNTNLFKQNETTFLNEDLPKWSGYFEKLLKKNHTNNNNDKYYFVGNNLTY
ADLAVFNLYDDIETKYPSSLKNFPLLKAHNEFISNLPNIKNYITNRKESVY
;
_entity_poly.pdbx_strand_id   A,B
#
# COMPACT_ATOMS: atom_id res chain seq x y z
N MET A 1 14.81 -7.11 20.16
CA MET A 1 16.03 -6.54 19.52
C MET A 1 15.66 -5.40 18.56
N GLY A 2 14.89 -4.44 19.07
CA GLY A 2 14.42 -4.49 20.45
C GLY A 2 14.51 -3.15 21.16
N ASP A 3 14.62 -3.20 22.49
CA ASP A 3 14.60 -4.48 23.20
C ASP A 3 13.19 -4.90 23.58
N ASN A 4 12.25 -3.94 23.58
CA ASN A 4 10.85 -4.25 23.81
C ASN A 4 9.95 -3.74 22.69
N ILE A 5 9.36 -4.69 21.97
CA ILE A 5 8.49 -4.41 20.84
C ILE A 5 7.06 -4.70 21.26
N VAL A 6 6.18 -3.72 21.14
CA VAL A 6 4.77 -3.93 21.40
C VAL A 6 3.95 -3.68 20.15
N LEU A 7 3.19 -4.69 19.74
CA LEU A 7 2.21 -4.55 18.67
C LEU A 7 0.84 -4.34 19.28
N TYR A 8 0.21 -3.23 18.92
CA TYR A 8 -1.13 -2.90 19.40
C TYR A 8 -2.13 -3.12 18.28
N TYR A 9 -3.19 -3.84 18.61
CA TYR A 9 -4.28 -4.12 17.68
C TYR A 9 -5.47 -4.68 18.46
N PHE A 10 -6.58 -4.87 17.76
CA PHE A 10 -7.75 -5.53 18.33
C PHE A 10 -7.50 -7.04 18.44
N ASP A 11 -8.39 -7.73 19.13
CA ASP A 11 -8.29 -9.18 19.27
C ASP A 11 -8.77 -9.85 17.99
N ALA A 12 -7.96 -9.72 16.94
CA ALA A 12 -8.27 -10.24 15.62
C ALA A 12 -6.99 -10.41 14.82
N ARG A 13 -7.11 -11.11 13.70
CA ARG A 13 -6.00 -11.26 12.76
C ARG A 13 -5.88 -9.97 11.93
N GLY A 14 -6.83 -9.78 11.01
CA GLY A 14 -6.98 -8.53 10.26
C GLY A 14 -5.71 -7.84 9.78
N LYS A 15 -5.59 -6.57 10.12
CA LYS A 15 -4.50 -5.72 9.63
C LYS A 15 -3.16 -5.97 10.34
N ALA A 16 -3.17 -6.76 11.40
CA ALA A 16 -1.96 -7.01 12.19
C ALA A 16 -1.30 -8.36 11.92
N GLU A 17 -2.08 -9.32 11.44
CA GLU A 17 -1.65 -10.72 11.32
C GLU A 17 -0.37 -10.95 10.50
N LEU A 18 -0.20 -10.19 9.43
CA LEU A 18 1.00 -10.33 8.61
C LEU A 18 2.25 -9.84 9.35
N ILE A 19 2.08 -8.82 10.19
CA ILE A 19 3.16 -8.33 11.05
C ILE A 19 3.53 -9.40 12.09
N ARG A 20 2.51 -10.10 12.60
CA ARG A 20 2.71 -11.21 13.53
C ARG A 20 3.40 -12.39 12.87
N LEU A 21 3.03 -12.67 11.62
CA LEU A 21 3.65 -13.72 10.82
C LEU A 21 5.12 -13.42 10.54
N ILE A 22 5.41 -12.16 10.24
CA ILE A 22 6.77 -11.70 10.00
C ILE A 22 7.62 -11.80 11.27
N PHE A 23 7.03 -11.46 12.42
CA PHE A 23 7.70 -11.58 13.71
C PHE A 23 7.98 -13.04 14.06
N ALA A 24 7.00 -13.90 13.80
CA ALA A 24 7.14 -15.34 14.04
C ALA A 24 8.21 -15.94 13.14
N TYR A 25 8.19 -15.56 11.86
CA TYR A 25 9.16 -16.06 10.89
C TYR A 25 10.59 -15.69 11.26
N LEU A 26 10.78 -14.44 11.67
CA LEU A 26 12.09 -13.90 11.99
C LEU A 26 12.53 -14.19 13.43
N GLY A 27 11.63 -14.81 14.20
CA GLY A 27 11.90 -15.15 15.59
C GLY A 27 12.07 -13.93 16.48
N ILE A 28 11.39 -12.85 16.13
CA ILE A 28 11.42 -11.61 16.91
C ILE A 28 10.43 -11.72 18.06
N GLU A 29 10.95 -11.59 19.28
CA GLU A 29 10.12 -11.62 20.48
C GLU A 29 9.47 -10.25 20.68
N TYR A 30 8.17 -10.26 20.96
CA TYR A 30 7.40 -9.03 21.07
C TYR A 30 6.15 -9.26 21.91
N THR A 31 5.61 -8.16 22.46
CA THR A 31 4.34 -8.20 23.17
C THR A 31 3.20 -8.01 22.16
N ASP A 32 2.33 -9.01 22.10
CA ASP A 32 1.18 -8.98 21.19
C ASP A 32 -0.03 -8.43 21.94
N LYS A 33 -0.10 -7.11 22.06
CA LYS A 33 -1.17 -6.46 22.80
C LYS A 33 -2.46 -6.44 21.98
N ARG A 34 -3.54 -6.92 22.57
CA ARG A 34 -4.84 -7.03 21.91
C ARG A 34 -5.94 -6.37 22.74
N PHE A 35 -6.69 -5.47 22.11
CA PHE A 35 -7.86 -4.87 22.74
C PHE A 35 -9.01 -5.88 22.71
N GLY A 36 -9.68 -6.05 23.84
CA GLY A 36 -10.85 -6.93 23.91
C GLY A 36 -10.67 -8.17 24.75
N VAL A 37 -9.42 -8.46 25.11
CA VAL A 37 -9.10 -9.54 26.03
C VAL A 37 -9.57 -9.14 27.42
N ASN A 38 -9.26 -7.90 27.82
CA ASN A 38 -9.77 -7.32 29.06
C ASN A 38 -11.14 -6.66 28.85
N GLY A 39 -12.12 -7.48 28.49
CA GLY A 39 -13.50 -7.01 28.32
C GLY A 39 -13.71 -6.14 27.09
N ASP A 40 -13.89 -4.84 27.32
CA ASP A 40 -14.31 -3.91 26.27
C ASP A 40 -13.14 -3.39 25.43
N ALA A 41 -13.12 -3.78 24.16
CA ALA A 41 -12.11 -3.35 23.20
C ALA A 41 -12.31 -1.91 22.75
N PHE A 42 -13.57 -1.47 22.73
CA PHE A 42 -13.94 -0.13 22.29
C PHE A 42 -13.41 0.96 23.23
N VAL A 43 -13.56 0.72 24.54
CA VAL A 43 -13.08 1.63 25.56
C VAL A 43 -11.55 1.60 25.64
N GLU A 44 -11.00 0.39 25.56
CA GLU A 44 -9.55 0.16 25.62
C GLU A 44 -8.82 0.83 24.44
N PHE A 45 -9.48 0.87 23.29
CA PHE A 45 -8.95 1.54 22.09
C PHE A 45 -9.03 3.06 22.25
N LYS A 46 -10.13 3.53 22.82
CA LYS A 46 -10.32 4.95 23.13
C LYS A 46 -9.24 5.44 24.10
N ASN A 47 -8.93 4.63 25.11
CA ASN A 47 -7.86 4.92 26.06
C ASN A 47 -6.47 4.85 25.45
N PHE A 48 -6.28 3.86 24.57
CA PHE A 48 -5.04 3.70 23.82
C PHE A 48 -4.67 4.95 23.01
N LYS A 49 -5.67 5.55 22.37
CA LYS A 49 -5.47 6.74 21.53
C LYS A 49 -5.05 7.97 22.32
N LYS A 50 -5.57 8.13 23.52
CA LYS A 50 -5.13 9.19 24.44
C LYS A 50 -3.71 8.95 24.92
N GLU A 51 -3.39 7.69 25.22
CA GLU A 51 -2.08 7.32 25.73
C GLU A 51 -0.99 7.43 24.68
N LYS A 52 -1.19 6.73 23.56
CA LYS A 52 -0.20 6.68 22.48
C LYS A 52 -0.44 7.74 21.41
N ASP A 53 0.65 8.38 20.99
CA ASP A 53 0.61 9.39 19.95
C ASP A 53 0.60 8.73 18.56
N THR A 54 -0.59 8.30 18.13
CA THR A 54 -0.76 7.69 16.81
C THR A 54 -0.97 8.78 15.75
N PRO A 55 -0.39 8.59 14.55
CA PRO A 55 -0.52 9.61 13.51
C PRO A 55 -1.88 9.64 12.80
N PHE A 56 -2.60 8.53 12.80
CA PHE A 56 -3.87 8.42 12.08
C PHE A 56 -5.02 7.83 12.90
N GLU A 57 -4.79 7.68 14.20
CA GLU A 57 -5.76 7.09 15.14
C GLU A 57 -6.26 5.71 14.71
N GLN A 58 -5.35 4.94 14.13
CA GLN A 58 -5.64 3.59 13.67
C GLN A 58 -4.65 2.59 14.28
N VAL A 59 -5.04 1.32 14.23
CA VAL A 59 -4.14 0.21 14.52
C VAL A 59 -4.06 -0.69 13.26
N PRO A 60 -3.01 -1.52 13.13
CA PRO A 60 -1.94 -1.81 14.09
C PRO A 60 -1.02 -0.64 14.38
N ILE A 61 -0.50 -0.63 15.61
CA ILE A 61 0.58 0.26 16.00
C ILE A 61 1.72 -0.60 16.50
N LEU A 62 2.90 -0.40 15.91
CA LEU A 62 4.09 -1.04 16.39
C LEU A 62 4.91 -0.04 17.18
N GLN A 63 5.17 -0.38 18.44
CA GLN A 63 5.99 0.47 19.29
C GLN A 63 7.35 -0.19 19.56
N ILE A 64 8.41 0.47 19.13
CA ILE A 64 9.78 0.01 19.38
C ILE A 64 10.44 1.00 20.32
N GLY A 65 10.45 0.64 21.61
CA GLY A 65 10.85 1.58 22.65
C GLY A 65 9.81 2.67 22.77
N ASP A 66 10.21 3.89 22.42
CA ASP A 66 9.31 5.04 22.41
C ASP A 66 8.85 5.35 20.99
N LEU A 67 9.42 4.64 20.04
CA LEU A 67 9.15 4.83 18.62
C LEU A 67 7.78 4.27 18.24
N ILE A 68 6.94 5.12 17.67
CA ILE A 68 5.60 4.74 17.24
C ILE A 68 5.59 4.51 15.73
N LEU A 69 5.22 3.30 15.32
CA LEU A 69 5.10 2.96 13.91
C LEU A 69 3.65 2.62 13.56
N ALA A 70 3.13 3.25 12.51
CA ALA A 70 1.76 3.02 12.07
C ALA A 70 1.70 2.56 10.63
N GLN A 71 0.51 2.11 10.22
CA GLN A 71 0.24 1.61 8.86
C GLN A 71 0.83 0.22 8.62
N SER A 72 -0.06 -0.77 8.50
CA SER A 72 0.30 -2.18 8.27
C SER A 72 1.39 -2.36 7.22
N GLN A 73 1.10 -1.86 6.02
CA GLN A 73 1.96 -2.06 4.86
C GLN A 73 3.34 -1.46 5.09
N ALA A 74 3.36 -0.25 5.62
CA ALA A 74 4.59 0.47 5.93
C ALA A 74 5.42 -0.28 6.97
N ILE A 75 4.76 -0.83 7.98
CA ILE A 75 5.42 -1.63 9.00
C ILE A 75 5.98 -2.93 8.38
N VAL A 76 5.12 -3.64 7.65
CA VAL A 76 5.52 -4.87 6.94
C VAL A 76 6.75 -4.64 6.07
N ARG A 77 6.71 -3.59 5.25
CA ARG A 77 7.82 -3.24 4.37
C ARG A 77 9.08 -2.83 5.14
N TYR A 78 8.88 -2.10 6.25
CA TYR A 78 9.99 -1.68 7.10
C TYR A 78 10.70 -2.88 7.72
N LEU A 79 9.90 -3.83 8.23
CA LEU A 79 10.43 -5.03 8.88
C LEU A 79 11.11 -5.96 7.89
N SER A 80 10.53 -6.05 6.69
CA SER A 80 11.04 -6.93 5.64
C SER A 80 12.34 -6.44 5.03
N LYS A 81 12.52 -5.11 4.99
CA LYS A 81 13.74 -4.52 4.48
C LYS A 81 14.86 -4.64 5.51
N LYS A 82 14.51 -4.43 6.77
CA LYS A 82 15.46 -4.49 7.89
C LYS A 82 16.03 -5.89 8.09
N TYR A 83 15.22 -6.90 7.76
CA TYR A 83 15.60 -8.30 7.96
C TYR A 83 15.76 -9.10 6.67
N ASN A 84 15.85 -8.38 5.55
CA ASN A 84 16.13 -8.97 4.23
C ASN A 84 15.20 -10.10 3.79
N ILE A 85 13.91 -9.79 3.73
CA ILE A 85 12.91 -10.66 3.09
C ILE A 85 12.05 -9.86 2.12
N CYS A 86 12.70 -8.93 1.41
CA CYS A 86 12.01 -8.06 0.46
C CYS A 86 12.45 -8.28 -0.98
N GLY A 87 13.47 -9.09 -1.18
CA GLY A 87 14.00 -9.39 -2.51
C GLY A 87 15.51 -9.24 -2.57
N GLU A 88 16.15 -10.07 -3.40
CA GLU A 88 17.61 -10.09 -3.49
C GLU A 88 18.18 -9.19 -4.58
N SER A 89 17.32 -8.32 -5.14
CA SER A 89 17.73 -7.28 -6.08
C SER A 89 16.75 -6.11 -6.03
N GLU A 90 17.11 -5.01 -6.68
CA GLU A 90 16.26 -3.82 -6.76
C GLU A 90 14.92 -4.13 -7.44
N LEU A 91 14.98 -4.89 -8.54
CA LEU A 91 13.80 -5.28 -9.29
C LEU A 91 12.94 -6.32 -8.55
N ASN A 92 13.59 -7.25 -7.86
CA ASN A 92 12.89 -8.22 -7.03
C ASN A 92 12.22 -7.59 -5.81
N GLU A 93 12.86 -6.55 -5.27
CA GLU A 93 12.26 -5.74 -4.22
C GLU A 93 10.94 -5.12 -4.71
N PHE A 94 10.95 -4.63 -5.95
CA PHE A 94 9.74 -4.10 -6.58
C PHE A 94 8.66 -5.17 -6.76
N TYR A 95 9.05 -6.35 -7.24
CA TYR A 95 8.11 -7.43 -7.53
C TYR A 95 7.37 -7.90 -6.29
N ALA A 96 8.10 -8.03 -5.19
CA ALA A 96 7.52 -8.35 -3.89
C ALA A 96 6.49 -7.29 -3.49
N ASP A 97 6.86 -6.03 -3.70
CA ASP A 97 6.01 -4.88 -3.40
C ASP A 97 4.75 -4.91 -4.28
N MET A 98 4.94 -5.11 -5.58
CA MET A 98 3.85 -5.22 -6.54
C MET A 98 2.87 -6.31 -6.15
N ILE A 99 3.39 -7.49 -5.85
CA ILE A 99 2.58 -8.64 -5.43
C ILE A 99 1.83 -8.35 -4.14
N PHE A 100 2.53 -7.74 -3.18
CA PHE A 100 1.94 -7.32 -1.91
C PHE A 100 0.77 -6.37 -2.12
N CYS A 101 0.97 -5.37 -2.98
CA CYS A 101 -0.09 -4.43 -3.33
C CYS A 101 -1.27 -5.13 -4.01
N GLY A 102 -0.98 -6.14 -4.82
CA GLY A 102 -2.01 -6.99 -5.44
C GLY A 102 -2.80 -7.77 -4.41
N VAL A 103 -2.10 -8.31 -3.41
CA VAL A 103 -2.72 -8.96 -2.27
C VAL A 103 -3.71 -8.02 -1.57
N GLN A 104 -3.29 -6.77 -1.38
CA GLN A 104 -4.13 -5.76 -0.72
C GLN A 104 -5.44 -5.47 -1.44
N ASP A 105 -5.40 -5.53 -2.77
CA ASP A 105 -6.60 -5.36 -3.60
C ASP A 105 -7.64 -6.44 -3.32
N ILE A 106 -7.23 -7.70 -3.45
CA ILE A 106 -8.14 -8.83 -3.24
C ILE A 106 -8.47 -9.05 -1.76
N HIS A 107 -7.53 -8.72 -0.87
CA HIS A 107 -7.77 -8.86 0.57
C HIS A 107 -8.80 -7.84 1.06
N TYR A 108 -8.72 -6.62 0.54
CA TYR A 108 -9.71 -5.58 0.83
C TYR A 108 -11.12 -6.07 0.50
N LYS A 109 -11.25 -6.68 -0.69
CA LYS A 109 -12.52 -7.23 -1.15
C LYS A 109 -13.03 -8.33 -0.22
N PHE A 110 -12.12 -9.19 0.24
CA PHE A 110 -12.47 -10.20 1.22
C PHE A 110 -12.90 -9.58 2.55
N ASN A 111 -12.17 -8.56 2.99
CA ASN A 111 -12.48 -7.84 4.21
C ASN A 111 -13.87 -7.18 4.14
N ASN A 112 -14.17 -6.57 3.01
CA ASN A 112 -15.47 -5.94 2.76
C ASN A 112 -16.64 -6.92 2.76
N THR A 113 -16.34 -8.21 2.56
CA THR A 113 -17.34 -9.26 2.55
C THR A 113 -17.39 -9.98 3.90
N ASN A 114 -16.24 -10.44 4.36
CA ASN A 114 -16.12 -11.22 5.60
C ASN A 114 -16.45 -10.41 6.85
N LEU A 115 -16.00 -9.16 6.90
CA LEU A 115 -16.21 -8.31 8.07
C LEU A 115 -17.41 -7.38 7.91
N PHE A 116 -17.56 -6.81 6.72
CA PHE A 116 -18.60 -5.82 6.46
C PHE A 116 -19.52 -6.26 5.35
N GLU A 120 -21.19 -11.50 -0.74
CA GLU A 120 -20.45 -12.73 -1.01
C GLU A 120 -20.30 -13.03 -2.49
N THR A 121 -21.43 -12.95 -3.20
CA THR A 121 -21.53 -13.35 -4.61
C THR A 121 -20.44 -12.75 -5.50
N THR A 122 -20.29 -11.43 -5.45
CA THR A 122 -19.28 -10.73 -6.26
C THR A 122 -17.86 -11.20 -5.92
N PHE A 123 -17.57 -11.34 -4.63
CA PHE A 123 -16.26 -11.79 -4.20
C PHE A 123 -15.99 -13.23 -4.60
N LEU A 124 -16.96 -14.10 -4.32
CA LEU A 124 -16.80 -15.54 -4.46
C LEU A 124 -16.78 -16.00 -5.92
N ASN A 125 -17.53 -15.30 -6.77
CA ASN A 125 -17.68 -15.69 -8.18
C ASN A 125 -16.87 -14.86 -9.17
N GLU A 126 -16.53 -13.63 -8.80
CA GLU A 126 -15.85 -12.71 -9.71
C GLU A 126 -14.44 -12.34 -9.27
N ASP A 127 -14.29 -11.93 -8.01
CA ASP A 127 -13.01 -11.43 -7.50
C ASP A 127 -12.03 -12.55 -7.16
N LEU A 128 -12.44 -13.45 -6.26
CA LEU A 128 -11.58 -14.52 -5.75
C LEU A 128 -10.93 -15.38 -6.84
N PRO A 129 -11.73 -16.00 -7.73
CA PRO A 129 -11.14 -16.92 -8.71
C PRO A 129 -10.24 -16.20 -9.71
N LYS A 130 -10.63 -14.99 -10.09
CA LYS A 130 -9.86 -14.14 -11.02
C LYS A 130 -8.51 -13.77 -10.40
N TRP A 131 -8.53 -13.29 -9.17
CA TRP A 131 -7.31 -12.90 -8.47
C TRP A 131 -6.46 -14.10 -8.07
N SER A 132 -7.09 -15.25 -7.82
CA SER A 132 -6.37 -16.49 -7.57
C SER A 132 -5.63 -16.95 -8.82
N GLY A 133 -6.24 -16.69 -9.99
CA GLY A 133 -5.60 -16.93 -11.29
C GLY A 133 -4.39 -16.04 -11.50
N TYR A 134 -4.48 -14.78 -11.07
CA TYR A 134 -3.37 -13.85 -11.15
C TYR A 134 -2.14 -14.35 -10.40
N PHE A 135 -2.34 -14.77 -9.15
CA PHE A 135 -1.26 -15.27 -8.31
C PHE A 135 -0.73 -16.63 -8.77
N GLU A 136 -1.62 -17.49 -9.24
CA GLU A 136 -1.25 -18.76 -9.88
C GLU A 136 -0.26 -18.55 -11.01
N LYS A 137 -0.59 -17.60 -11.88
CA LYS A 137 0.24 -17.25 -13.02
C LYS A 137 1.58 -16.65 -12.58
N LEU A 138 1.55 -15.90 -11.48
CA LEU A 138 2.76 -15.28 -10.94
C LEU A 138 3.71 -16.32 -10.33
N LEU A 139 3.14 -17.31 -9.64
CA LEU A 139 3.92 -18.45 -9.14
C LEU A 139 4.49 -19.29 -10.27
N LYS A 140 3.65 -19.58 -11.27
CA LYS A 140 4.06 -20.33 -12.46
C LYS A 140 5.27 -19.69 -13.12
N LYS A 141 5.25 -18.35 -13.19
CA LYS A 141 6.34 -17.55 -13.75
C LYS A 141 7.66 -17.78 -13.03
N ASN A 142 7.59 -17.96 -11.72
CA ASN A 142 8.78 -18.05 -10.87
C ASN A 142 9.17 -19.47 -10.46
N HIS A 143 8.19 -20.37 -10.36
CA HIS A 143 8.42 -21.73 -9.94
C HIS A 143 9.02 -22.58 -11.06
N ASN A 148 10.81 -30.18 -6.62
CA ASN A 148 11.07 -28.97 -5.85
C ASN A 148 9.92 -28.64 -4.90
N ASP A 149 10.26 -28.48 -3.61
CA ASP A 149 9.26 -28.22 -2.58
C ASP A 149 9.14 -26.73 -2.22
N LYS A 150 9.97 -25.90 -2.85
CA LYS A 150 9.96 -24.45 -2.62
C LYS A 150 9.02 -23.74 -3.58
N TYR A 151 8.20 -22.84 -3.03
CA TYR A 151 7.29 -22.03 -3.83
C TYR A 151 7.45 -20.57 -3.41
N TYR A 152 8.14 -19.80 -4.25
CA TYR A 152 8.34 -18.38 -4.01
C TYR A 152 7.73 -17.56 -5.13
N PHE A 153 7.13 -16.42 -4.77
CA PHE A 153 6.62 -15.47 -5.73
C PHE A 153 7.73 -14.62 -6.34
N VAL A 154 8.80 -14.43 -5.57
CA VAL A 154 9.90 -13.58 -5.98
C VAL A 154 11.25 -14.27 -5.76
N GLY A 155 12.05 -14.34 -6.83
CA GLY A 155 13.39 -14.90 -6.79
C GLY A 155 13.43 -16.34 -6.31
N ASN A 156 14.50 -16.68 -5.57
CA ASN A 156 14.70 -18.03 -5.07
C ASN A 156 14.77 -18.08 -3.54
N ASN A 157 14.29 -17.02 -2.89
CA ASN A 157 14.24 -16.94 -1.44
C ASN A 157 12.89 -16.38 -0.99
N LEU A 158 12.57 -16.59 0.29
CA LEU A 158 11.31 -16.11 0.87
C LEU A 158 11.25 -14.60 0.93
N THR A 159 10.15 -14.05 0.44
CA THR A 159 9.85 -12.63 0.60
C THR A 159 8.61 -12.46 1.46
N TYR A 160 8.36 -11.23 1.92
CA TYR A 160 7.15 -10.93 2.67
C TYR A 160 5.91 -11.11 1.79
N ALA A 161 6.12 -11.03 0.48
CA ALA A 161 5.08 -11.30 -0.52
C ALA A 161 4.54 -12.72 -0.40
N ASP A 162 5.43 -13.68 -0.17
CA ASP A 162 5.03 -15.06 0.11
C ASP A 162 4.12 -15.15 1.32
N LEU A 163 4.50 -14.45 2.39
CA LEU A 163 3.76 -14.44 3.65
C LEU A 163 2.44 -13.69 3.53
N ALA A 164 2.44 -12.65 2.69
CA ALA A 164 1.23 -11.88 2.39
C ALA A 164 0.19 -12.71 1.64
N VAL A 165 0.63 -13.44 0.61
CA VAL A 165 -0.26 -14.32 -0.16
C VAL A 165 -0.74 -15.47 0.71
N PHE A 166 0.16 -16.00 1.55
CA PHE A 166 -0.23 -17.03 2.50
C PHE A 166 -1.29 -16.52 3.47
N ASN A 167 -1.05 -15.35 4.06
CA ASN A 167 -1.98 -14.73 4.98
C ASN A 167 -3.33 -14.48 4.33
N LEU A 168 -3.29 -14.01 3.07
CA LEU A 168 -4.48 -13.76 2.28
C LEU A 168 -5.39 -15.00 2.21
N TYR A 169 -4.85 -16.09 1.69
CA TYR A 169 -5.64 -17.30 1.49
C TYR A 169 -5.89 -18.10 2.76
N ASP A 170 -5.00 -17.94 3.75
CA ASP A 170 -5.25 -18.48 5.09
C ASP A 170 -6.45 -17.77 5.71
N ASP A 171 -6.51 -16.45 5.53
CA ASP A 171 -7.62 -15.63 6.00
C ASP A 171 -8.91 -15.96 5.23
N ILE A 172 -8.79 -16.14 3.92
CA ILE A 172 -9.92 -16.52 3.06
C ILE A 172 -10.44 -17.91 3.41
N GLU A 173 -9.53 -18.86 3.59
CA GLU A 173 -9.89 -20.26 3.84
C GLU A 173 -10.51 -20.54 5.21
N THR A 174 -10.57 -19.53 6.08
CA THR A 174 -11.29 -19.66 7.34
C THR A 174 -12.80 -19.54 7.11
N LYS A 175 -13.16 -18.76 6.10
CA LYS A 175 -14.56 -18.56 5.71
C LYS A 175 -14.93 -19.45 4.51
N TYR A 176 -13.99 -19.64 3.60
CA TYR A 176 -14.20 -20.46 2.40
C TYR A 176 -13.06 -21.46 2.22
N PRO A 177 -13.15 -22.62 2.90
CA PRO A 177 -12.07 -23.63 2.96
C PRO A 177 -11.62 -24.19 1.62
N SER A 178 -12.54 -24.30 0.66
CA SER A 178 -12.29 -25.01 -0.60
C SER A 178 -11.75 -24.12 -1.74
N SER A 179 -11.38 -22.88 -1.41
CA SER A 179 -11.06 -21.88 -2.42
C SER A 179 -9.71 -22.06 -3.15
N LEU A 180 -8.87 -22.97 -2.66
CA LEU A 180 -7.57 -23.24 -3.29
C LEU A 180 -7.54 -24.53 -4.11
N LYS A 181 -8.69 -25.20 -4.21
CA LYS A 181 -8.82 -26.48 -4.91
C LYS A 181 -8.36 -26.42 -6.38
N ASN A 182 -8.76 -25.36 -7.08
CA ASN A 182 -8.52 -25.23 -8.51
C ASN A 182 -7.22 -24.48 -8.84
N PHE A 183 -6.42 -24.23 -7.82
CA PHE A 183 -5.20 -23.46 -7.95
C PHE A 183 -4.05 -24.20 -7.27
N PRO A 184 -3.40 -25.14 -7.99
CA PRO A 184 -2.45 -26.11 -7.44
C PRO A 184 -1.18 -25.49 -6.86
N LEU A 185 -0.58 -24.55 -7.59
CA LEU A 185 0.65 -23.90 -7.13
C LEU A 185 0.41 -23.03 -5.91
N LEU A 186 -0.73 -22.33 -5.91
CA LEU A 186 -1.17 -21.49 -4.81
C LEU A 186 -1.50 -22.34 -3.59
N LYS A 187 -2.08 -23.51 -3.84
CA LYS A 187 -2.36 -24.48 -2.79
C LYS A 187 -1.06 -25.02 -2.18
N ALA A 188 -0.11 -25.35 -3.05
CA ALA A 188 1.20 -25.85 -2.64
C ALA A 188 2.06 -24.77 -1.97
N HIS A 189 1.86 -23.52 -2.39
CA HIS A 189 2.51 -22.37 -1.76
C HIS A 189 2.00 -22.18 -0.33
N ASN A 190 0.68 -22.25 -0.17
CA ASN A 190 0.04 -22.20 1.15
C ASN A 190 0.59 -23.28 2.07
N GLU A 191 0.62 -24.51 1.57
CA GLU A 191 1.12 -25.66 2.32
C GLU A 191 2.59 -25.49 2.70
N PHE A 192 3.40 -25.07 1.73
CA PHE A 192 4.82 -24.81 1.94
C PHE A 192 5.06 -23.75 3.01
N ILE A 193 4.40 -22.60 2.87
CA ILE A 193 4.57 -21.50 3.84
C ILE A 193 4.07 -21.87 5.23
N SER A 194 2.91 -22.52 5.29
CA SER A 194 2.32 -22.94 6.58
C SER A 194 3.20 -23.91 7.36
N ASN A 195 4.07 -24.64 6.65
CA ASN A 195 4.90 -25.67 7.27
C ASN A 195 6.36 -25.25 7.52
N LEU A 196 6.66 -23.98 7.32
CA LEU A 196 7.99 -23.43 7.63
C LEU A 196 8.26 -23.53 9.13
N PRO A 197 9.46 -23.98 9.52
CA PRO A 197 9.82 -24.20 10.93
C PRO A 197 9.26 -23.14 11.88
N ASN A 198 9.56 -21.87 11.61
CA ASN A 198 9.11 -20.76 12.46
C ASN A 198 7.63 -20.43 12.30
N ILE A 199 7.10 -20.65 11.09
CA ILE A 199 5.73 -20.32 10.76
C ILE A 199 4.74 -21.38 11.30
N LYS A 200 5.09 -22.65 11.12
CA LYS A 200 4.25 -23.78 11.50
C LYS A 200 3.77 -23.70 12.95
N ASN A 201 4.71 -23.49 13.87
CA ASN A 201 4.42 -23.46 15.30
C ASN A 201 3.49 -22.32 15.69
N TYR A 202 3.69 -21.15 15.10
CA TYR A 202 2.87 -19.97 15.40
C TYR A 202 1.41 -20.15 14.97
N ILE A 203 1.20 -20.68 13.77
CA ILE A 203 -0.14 -20.81 13.19
C ILE A 203 -0.97 -21.92 13.83
N THR A 204 -0.30 -23.02 14.21
CA THR A 204 -0.99 -24.11 14.89
C THR A 204 -1.31 -23.76 16.34
N ASN A 205 -0.58 -22.81 16.90
CA ASN A 205 -0.72 -22.43 18.31
C ASN A 205 -1.35 -21.06 18.58
N ARG A 206 -1.74 -20.36 17.51
CA ARG A 206 -2.47 -19.10 17.65
C ARG A 206 -3.97 -19.34 17.82
N LYS A 207 -4.64 -18.41 18.49
CA LYS A 207 -6.08 -18.48 18.73
C LYS A 207 -6.90 -18.04 17.50
N MET B 1 13.90 -3.19 -20.66
CA MET B 1 14.76 -3.09 -19.45
C MET B 1 15.44 -1.72 -19.39
N GLY B 2 15.26 -0.93 -20.44
CA GLY B 2 15.87 0.40 -20.49
C GLY B 2 15.25 1.37 -21.48
N ASP B 3 15.75 2.61 -21.44
CA ASP B 3 15.35 3.71 -22.35
C ASP B 3 13.86 4.10 -22.35
N ASN B 4 13.07 3.46 -23.22
CA ASN B 4 11.69 3.87 -23.48
C ASN B 4 10.72 3.62 -22.31
N ILE B 5 10.45 4.67 -21.55
CA ILE B 5 9.49 4.62 -20.44
C ILE B 5 8.09 4.93 -20.96
N VAL B 6 7.17 4.00 -20.80
CA VAL B 6 5.77 4.23 -21.20
C VAL B 6 4.82 3.94 -20.04
N LEU B 7 4.06 4.95 -19.65
CA LEU B 7 3.01 4.79 -18.65
C LEU B 7 1.67 4.59 -19.33
N TYR B 8 0.97 3.53 -18.93
CA TYR B 8 -0.35 3.22 -19.46
C TYR B 8 -1.41 3.44 -18.40
N TYR B 9 -2.43 4.23 -18.74
CA TYR B 9 -3.57 4.47 -17.87
C TYR B 9 -4.73 5.02 -18.69
N PHE B 10 -5.85 5.26 -18.03
CA PHE B 10 -6.98 5.94 -18.64
C PHE B 10 -6.71 7.43 -18.74
N ASP B 11 -7.54 8.13 -19.51
CA ASP B 11 -7.44 9.59 -19.61
C ASP B 11 -8.06 10.23 -18.38
N ALA B 12 -7.40 10.02 -17.25
CA ALA B 12 -7.84 10.53 -15.96
C ALA B 12 -6.65 10.59 -15.02
N ARG B 13 -6.82 11.26 -13.88
CA ARG B 13 -5.77 11.38 -12.87
C ARG B 13 -5.63 10.06 -12.13
N GLY B 14 -6.69 9.70 -11.39
CA GLY B 14 -6.81 8.41 -10.72
C GLY B 14 -5.55 7.88 -10.04
N LYS B 15 -5.16 6.67 -10.44
CA LYS B 15 -4.06 5.95 -9.80
C LYS B 15 -2.70 6.19 -10.46
N ALA B 16 -2.68 6.94 -11.56
CA ALA B 16 -1.45 7.22 -12.29
C ALA B 16 -0.88 8.62 -12.08
N GLU B 17 -1.69 9.52 -11.52
CA GLU B 17 -1.33 10.94 -11.41
C GLU B 17 -0.06 11.19 -10.60
N LEU B 18 0.09 10.49 -9.48
CA LEU B 18 1.29 10.65 -8.65
C LEU B 18 2.56 10.25 -9.40
N ILE B 19 2.49 9.12 -10.11
CA ILE B 19 3.59 8.68 -10.98
C ILE B 19 3.93 9.76 -12.02
N ARG B 20 2.90 10.39 -12.59
CA ARG B 20 3.07 11.47 -13.55
C ARG B 20 3.71 12.69 -12.91
N LEU B 21 3.30 13.01 -11.68
CA LEU B 21 3.91 14.11 -10.91
C LEU B 21 5.36 13.82 -10.57
N ILE B 22 5.66 12.56 -10.27
CA ILE B 22 7.02 12.12 -9.95
C ILE B 22 7.94 12.24 -11.18
N PHE B 23 7.43 11.79 -12.33
CA PHE B 23 8.16 11.96 -13.59
C PHE B 23 8.38 13.43 -13.91
N ALA B 24 7.34 14.24 -13.71
CA ALA B 24 7.42 15.68 -13.93
C ALA B 24 8.46 16.34 -13.03
N TYR B 25 8.39 16.05 -11.73
CA TYR B 25 9.34 16.59 -10.76
C TYR B 25 10.79 16.23 -11.09
N LEU B 26 11.01 14.98 -11.48
CA LEU B 26 12.36 14.48 -11.75
C LEU B 26 12.89 14.84 -13.14
N GLY B 27 11.98 15.26 -14.02
CA GLY B 27 12.34 15.62 -15.39
C GLY B 27 12.61 14.40 -16.25
N ILE B 28 11.82 13.34 -16.05
CA ILE B 28 11.99 12.11 -16.80
C ILE B 28 11.10 12.11 -18.04
N GLU B 29 11.74 11.87 -19.18
CA GLU B 29 11.03 11.76 -20.45
C GLU B 29 10.34 10.40 -20.52
N TYR B 30 9.04 10.42 -20.75
CA TYR B 30 8.23 9.20 -20.84
C TYR B 30 7.04 9.42 -21.77
N THR B 31 6.50 8.34 -22.31
CA THR B 31 5.28 8.41 -23.09
C THR B 31 4.09 8.23 -22.16
N ASP B 32 3.29 9.28 -22.02
CA ASP B 32 2.09 9.27 -21.19
C ASP B 32 0.92 8.73 -22.00
N LYS B 33 0.88 7.42 -22.17
CA LYS B 33 -0.13 6.79 -23.01
C LYS B 33 -1.46 6.62 -22.26
N ARG B 34 -2.49 7.28 -22.76
CA ARG B 34 -3.79 7.32 -22.11
C ARG B 34 -4.86 6.71 -23.00
N PHE B 35 -5.68 5.83 -22.42
CA PHE B 35 -6.75 5.15 -23.16
C PHE B 35 -7.88 6.11 -23.50
N GLY B 36 -8.38 6.02 -24.73
CA GLY B 36 -9.54 6.78 -25.19
C GLY B 36 -9.37 8.28 -25.17
N GLY B 39 -9.84 7.18 -29.19
CA GLY B 39 -10.88 6.22 -29.53
C GLY B 39 -11.72 5.82 -28.33
N ASP B 40 -12.16 4.55 -28.32
CA ASP B 40 -12.97 4.01 -27.24
C ASP B 40 -12.06 3.45 -26.14
N ALA B 41 -12.09 4.09 -24.98
CA ALA B 41 -11.26 3.72 -23.82
C ALA B 41 -11.48 2.27 -23.38
N PHE B 42 -12.73 1.86 -23.32
CA PHE B 42 -13.11 0.52 -22.87
C PHE B 42 -12.60 -0.55 -23.82
N VAL B 43 -12.62 -0.24 -25.12
CA VAL B 43 -12.10 -1.12 -26.17
C VAL B 43 -10.57 -1.14 -26.14
N GLU B 44 -9.97 0.05 -26.08
CA GLU B 44 -8.50 0.20 -26.05
C GLU B 44 -7.87 -0.52 -24.85
N PHE B 45 -8.52 -0.44 -23.70
CA PHE B 45 -8.06 -1.12 -22.48
C PHE B 45 -8.18 -2.64 -22.61
N LYS B 46 -9.23 -3.10 -23.29
CA LYS B 46 -9.41 -4.52 -23.58
C LYS B 46 -8.30 -5.04 -24.49
N ASN B 47 -7.94 -4.25 -25.50
CA ASN B 47 -6.82 -4.57 -26.38
C ASN B 47 -5.47 -4.50 -25.67
N PHE B 48 -5.33 -3.52 -24.79
CA PHE B 48 -4.13 -3.35 -23.98
C PHE B 48 -3.84 -4.60 -23.13
N LYS B 49 -4.89 -5.14 -22.51
CA LYS B 49 -4.77 -6.33 -21.67
C LYS B 49 -4.38 -7.56 -22.49
N LYS B 50 -4.87 -7.64 -23.72
CA LYS B 50 -4.51 -8.72 -24.64
C LYS B 50 -3.07 -8.59 -25.16
N GLU B 51 -2.65 -7.36 -25.43
CA GLU B 51 -1.31 -7.08 -25.96
C GLU B 51 -0.21 -7.10 -24.91
N LYS B 52 -0.52 -6.64 -23.70
CA LYS B 52 0.46 -6.58 -22.62
C LYS B 52 0.22 -7.63 -21.54
N ASP B 53 1.31 -8.16 -21.02
CA ASP B 53 1.26 -9.16 -19.95
C ASP B 53 1.24 -8.46 -18.59
N THR B 54 0.04 -8.06 -18.17
CA THR B 54 -0.16 -7.42 -16.87
C THR B 54 -0.44 -8.50 -15.84
N PRO B 55 0.07 -8.33 -14.61
CA PRO B 55 -0.13 -9.36 -13.57
C PRO B 55 -1.55 -9.40 -13.00
N PHE B 56 -2.22 -8.26 -12.91
CA PHE B 56 -3.53 -8.17 -12.27
C PHE B 56 -4.60 -7.53 -13.15
N GLU B 57 -4.28 -7.36 -14.44
CA GLU B 57 -5.20 -6.77 -15.42
C GLU B 57 -5.68 -5.37 -15.05
N GLN B 58 -4.79 -4.63 -14.38
CA GLN B 58 -5.08 -3.28 -13.93
C GLN B 58 -4.04 -2.30 -14.49
N VAL B 59 -4.47 -1.06 -14.67
CA VAL B 59 -3.55 0.06 -14.85
C VAL B 59 -3.55 0.91 -13.56
N PRO B 60 -2.45 1.64 -13.27
CA PRO B 60 -1.31 1.96 -14.14
C PRO B 60 -0.35 0.81 -14.41
N ILE B 61 0.15 0.79 -15.63
CA ILE B 61 1.26 -0.07 -16.01
C ILE B 61 2.42 0.81 -16.45
N LEU B 62 3.58 0.58 -15.87
CA LEU B 62 4.79 1.27 -16.28
C LEU B 62 5.64 0.30 -17.07
N GLN B 63 5.84 0.59 -18.35
CA GLN B 63 6.71 -0.22 -19.18
C GLN B 63 8.04 0.48 -19.41
N ILE B 64 9.12 -0.14 -18.91
CA ILE B 64 10.48 0.33 -19.14
C ILE B 64 11.13 -0.67 -20.08
N GLY B 65 11.21 -0.30 -21.36
CA GLY B 65 11.66 -1.22 -22.41
C GLY B 65 10.60 -2.28 -22.63
N ASP B 66 10.94 -3.52 -22.29
CA ASP B 66 9.98 -4.63 -22.34
C ASP B 66 9.59 -5.09 -20.93
N LEU B 67 10.11 -4.41 -19.92
CA LEU B 67 9.83 -4.71 -18.52
C LEU B 67 8.51 -4.08 -18.07
N ILE B 68 7.64 -4.90 -17.48
CA ILE B 68 6.31 -4.46 -17.04
C ILE B 68 6.26 -4.24 -15.53
N LEU B 69 5.91 -3.02 -15.13
CA LEU B 69 5.71 -2.69 -13.73
C LEU B 69 4.24 -2.37 -13.49
N ALA B 70 3.69 -2.94 -12.42
CA ALA B 70 2.30 -2.71 -12.05
C ALA B 70 2.20 -2.22 -10.60
N GLN B 71 1.00 -1.77 -10.23
CA GLN B 71 0.69 -1.28 -8.88
C GLN B 71 1.30 0.08 -8.59
N SER B 72 0.43 1.09 -8.50
CA SER B 72 0.82 2.50 -8.31
C SER B 72 1.84 2.69 -7.20
N GLN B 73 1.52 2.16 -6.02
CA GLN B 73 2.34 2.36 -4.83
C GLN B 73 3.72 1.75 -4.99
N ALA B 74 3.77 0.54 -5.54
CA ALA B 74 5.01 -0.17 -5.79
C ALA B 74 5.85 0.56 -6.84
N ILE B 75 5.19 1.11 -7.86
CA ILE B 75 5.86 1.89 -8.90
C ILE B 75 6.45 3.16 -8.28
N VAL B 76 5.63 3.87 -7.51
CA VAL B 76 6.06 5.08 -6.80
C VAL B 76 7.28 4.82 -5.92
N ARG B 77 7.20 3.78 -5.08
CA ARG B 77 8.29 3.41 -4.18
C ARG B 77 9.55 2.99 -4.94
N TYR B 78 9.37 2.27 -6.03
CA TYR B 78 10.49 1.90 -6.90
C TYR B 78 11.15 3.13 -7.51
N LEU B 79 10.33 4.04 -8.03
CA LEU B 79 10.80 5.28 -8.65
C LEU B 79 11.53 6.19 -7.66
N SER B 80 11.05 6.21 -6.42
CA SER B 80 11.61 7.06 -5.38
CA SER B 80 11.61 7.06 -5.38
C SER B 80 12.98 6.57 -4.92
N LYS B 81 13.17 5.26 -4.89
CA LYS B 81 14.46 4.67 -4.54
C LYS B 81 15.46 4.89 -5.66
N LYS B 82 15.07 4.56 -6.89
CA LYS B 82 15.94 4.76 -8.06
C LYS B 82 16.37 6.20 -8.29
N TYR B 83 15.52 7.15 -7.90
CA TYR B 83 15.81 8.56 -8.16
C TYR B 83 16.01 9.41 -6.90
N ASN B 84 16.07 8.74 -5.74
CA ASN B 84 16.44 9.36 -4.47
C ASN B 84 15.46 10.42 -3.95
N ILE B 85 14.17 10.08 -3.96
CA ILE B 85 13.15 10.83 -3.23
C ILE B 85 12.39 9.87 -2.30
N CYS B 86 13.14 8.92 -1.74
CA CYS B 86 12.58 7.82 -0.96
C CYS B 86 12.60 8.04 0.54
N GLY B 87 13.56 8.81 1.01
CA GLY B 87 13.81 8.95 2.45
C GLY B 87 15.30 8.83 2.69
N GLU B 88 15.83 9.76 3.48
CA GLU B 88 17.27 9.92 3.64
C GLU B 88 17.87 9.05 4.75
N SER B 89 17.05 8.16 5.29
CA SER B 89 17.47 7.14 6.26
C SER B 89 16.46 5.99 6.29
N GLU B 90 16.79 4.95 7.04
CA GLU B 90 15.93 3.78 7.18
C GLU B 90 14.56 4.14 7.75
N LEU B 91 14.56 4.89 8.85
CA LEU B 91 13.31 5.30 9.52
C LEU B 91 12.60 6.42 8.77
N ASN B 92 13.36 7.28 8.10
CA ASN B 92 12.79 8.30 7.21
C ASN B 92 12.03 7.68 6.03
N GLU B 93 12.55 6.58 5.52
CA GLU B 93 11.86 5.79 4.49
C GLU B 93 10.56 5.20 5.04
N PHE B 94 10.59 4.72 6.29
CA PHE B 94 9.36 4.23 6.92
C PHE B 94 8.29 5.31 7.02
N TYR B 95 8.66 6.47 7.56
CA TYR B 95 7.71 7.56 7.77
C TYR B 95 7.09 8.07 6.48
N ALA B 96 7.92 8.17 5.43
CA ALA B 96 7.45 8.52 4.10
C ALA B 96 6.42 7.50 3.61
N ASP B 97 6.72 6.22 3.84
CA ASP B 97 5.85 5.11 3.47
C ASP B 97 4.56 5.14 4.28
N MET B 98 4.70 5.42 5.57
CA MET B 98 3.57 5.53 6.49
C MET B 98 2.62 6.66 6.05
N ILE B 99 3.19 7.82 5.75
CA ILE B 99 2.42 8.99 5.29
C ILE B 99 1.77 8.70 3.94
N PHE B 100 2.49 7.99 3.07
CA PHE B 100 1.98 7.55 1.79
C PHE B 100 0.78 6.60 1.99
N CYS B 101 0.92 5.67 2.92
CA CYS B 101 -0.16 4.75 3.29
C CYS B 101 -1.35 5.49 3.89
N GLY B 102 -1.08 6.57 4.61
CA GLY B 102 -2.12 7.45 5.15
C GLY B 102 -2.85 8.21 4.07
N VAL B 103 -2.09 8.70 3.07
CA VAL B 103 -2.66 9.34 1.89
C VAL B 103 -3.64 8.41 1.17
N GLN B 104 -3.25 7.14 1.04
CA GLN B 104 -4.07 6.12 0.38
CA GLN B 104 -4.09 6.14 0.37
C GLN B 104 -5.41 5.91 1.10
N ASP B 105 -5.38 5.93 2.42
CA ASP B 105 -6.58 5.77 3.25
C ASP B 105 -7.63 6.84 2.94
N ILE B 106 -7.20 8.10 2.93
CA ILE B 106 -8.09 9.22 2.69
C ILE B 106 -8.36 9.48 1.21
N HIS B 107 -7.37 9.20 0.34
CA HIS B 107 -7.56 9.32 -1.10
C HIS B 107 -8.63 8.34 -1.58
N TYR B 108 -8.60 7.13 -1.01
CA TYR B 108 -9.62 6.12 -1.26
C TYR B 108 -11.02 6.64 -0.90
N LYS B 109 -11.12 7.29 0.25
CA LYS B 109 -12.38 7.89 0.71
C LYS B 109 -12.84 9.03 -0.18
N PHE B 110 -11.88 9.81 -0.70
CA PHE B 110 -12.19 10.86 -1.67
C PHE B 110 -12.68 10.27 -2.99
N ASN B 111 -11.97 9.25 -3.48
CA ASN B 111 -12.32 8.59 -4.73
C ASN B 111 -13.71 7.95 -4.71
N ASN B 112 -14.07 7.38 -3.57
CA ASN B 112 -15.40 6.77 -3.40
C ASN B 112 -16.55 7.75 -3.61
N THR B 113 -16.40 8.99 -3.14
CA THR B 113 -17.41 10.01 -3.34
C THR B 113 -17.25 10.76 -4.67
N ASN B 114 -16.02 11.17 -4.99
CA ASN B 114 -15.73 11.93 -6.21
C ASN B 114 -15.99 11.16 -7.50
N LEU B 115 -15.69 9.87 -7.49
CA LEU B 115 -15.76 9.05 -8.69
C LEU B 115 -16.89 8.03 -8.67
N PHE B 116 -17.12 7.42 -7.51
CA PHE B 116 -18.06 6.30 -7.41
C PHE B 116 -19.38 6.66 -6.71
N LYS B 117 -19.71 7.95 -6.75
CA LYS B 117 -21.05 8.47 -6.41
C LYS B 117 -21.54 8.23 -4.98
N GLN B 118 -20.62 7.95 -4.07
CA GLN B 118 -20.95 7.84 -2.66
C GLN B 118 -21.27 9.21 -2.08
N ASN B 119 -22.13 9.25 -1.06
CA ASN B 119 -22.56 10.50 -0.45
C ASN B 119 -21.38 11.30 0.08
N GLU B 120 -21.32 12.57 -0.33
CA GLU B 120 -20.17 13.44 -0.05
C GLU B 120 -20.05 13.90 1.40
N THR B 121 -21.18 13.89 2.12
CA THR B 121 -21.25 14.44 3.48
C THR B 121 -20.26 13.79 4.44
N THR B 122 -20.25 12.45 4.44
CA THR B 122 -19.36 11.68 5.33
CA THR B 122 -19.36 11.68 5.33
C THR B 122 -17.88 12.00 5.09
N PHE B 123 -17.51 12.21 3.82
CA PHE B 123 -16.16 12.58 3.46
C PHE B 123 -15.85 14.02 3.89
N LEU B 124 -16.77 14.94 3.58
CA LEU B 124 -16.61 16.35 3.88
C LEU B 124 -16.65 16.69 5.36
N ASN B 125 -17.43 15.95 6.14
CA ASN B 125 -17.68 16.26 7.54
C ASN B 125 -16.89 15.42 8.52
N GLU B 126 -16.51 14.21 8.09
CA GLU B 126 -15.95 13.21 9.01
C GLU B 126 -14.54 12.77 8.61
N ASP B 127 -14.30 12.64 7.30
CA ASP B 127 -13.03 12.12 6.81
C ASP B 127 -12.00 13.21 6.50
N LEU B 128 -12.37 14.14 5.61
CA LEU B 128 -11.46 15.18 5.13
C LEU B 128 -10.81 16.00 6.25
N PRO B 129 -11.62 16.65 7.12
CA PRO B 129 -11.01 17.51 8.14
C PRO B 129 -10.18 16.75 9.18
N LYS B 130 -10.60 15.52 9.49
CA LYS B 130 -9.89 14.66 10.44
C LYS B 130 -8.53 14.24 9.90
N TRP B 131 -8.49 13.85 8.63
CA TRP B 131 -7.24 13.45 7.97
C TRP B 131 -6.33 14.63 7.66
N SER B 132 -6.93 15.76 7.30
CA SER B 132 -6.17 17.01 7.11
C SER B 132 -5.48 17.41 8.40
N GLY B 133 -6.15 17.18 9.53
CA GLY B 133 -5.58 17.41 10.85
C GLY B 133 -4.43 16.46 11.17
N TYR B 134 -4.54 15.21 10.72
CA TYR B 134 -3.47 14.22 10.87
C TYR B 134 -2.20 14.66 10.13
N PHE B 135 -2.36 15.05 8.86
CA PHE B 135 -1.25 15.51 8.03
C PHE B 135 -0.68 16.84 8.51
N GLU B 136 -1.55 17.71 9.03
CA GLU B 136 -1.15 18.98 9.62
C GLU B 136 -0.24 18.75 10.83
N LYS B 137 -0.62 17.79 11.67
CA LYS B 137 0.15 17.45 12.87
C LYS B 137 1.50 16.81 12.51
N LEU B 138 1.51 15.99 11.46
CA LEU B 138 2.73 15.34 10.98
C LEU B 138 3.73 16.34 10.39
N LEU B 139 3.20 17.39 9.75
CA LEU B 139 4.03 18.49 9.27
C LEU B 139 4.58 19.32 10.43
N LYS B 140 3.76 19.50 11.46
CA LYS B 140 4.14 20.22 12.68
C LYS B 140 5.29 19.52 13.40
N LYS B 141 5.30 18.19 13.37
CA LYS B 141 6.36 17.40 14.00
C LYS B 141 7.69 17.55 13.26
N ASN B 142 7.62 17.93 11.99
CA ASN B 142 8.81 18.14 11.17
C ASN B 142 9.07 19.64 10.93
N HIS B 143 8.65 20.47 11.89
CA HIS B 143 8.81 21.93 11.87
C HIS B 143 8.13 22.64 10.70
N TYR B 151 8.60 22.80 2.87
CA TYR B 151 8.07 22.43 4.19
C TYR B 151 8.46 21.00 4.60
N TYR B 152 8.16 20.03 3.74
CA TYR B 152 8.60 18.63 3.87
C TYR B 152 8.03 17.85 5.06
N PHE B 153 7.41 16.71 4.76
CA PHE B 153 6.87 15.81 5.77
C PHE B 153 7.94 15.02 6.50
N VAL B 154 8.96 14.59 5.76
CA VAL B 154 10.03 13.78 6.30
C VAL B 154 11.39 14.33 5.87
N GLY B 155 12.30 14.47 6.85
CA GLY B 155 13.66 14.93 6.58
C GLY B 155 13.77 16.40 6.24
N ASN B 156 14.88 16.74 5.58
CA ASN B 156 15.16 18.12 5.17
C ASN B 156 14.98 18.31 3.67
N ASN B 157 14.60 17.23 2.98
CA ASN B 157 14.40 17.27 1.53
C ASN B 157 13.10 16.61 1.12
N LEU B 158 12.72 16.79 -0.14
CA LEU B 158 11.47 16.26 -0.67
C LEU B 158 11.51 14.74 -0.78
N THR B 159 10.43 14.09 -0.35
CA THR B 159 10.20 12.67 -0.57
C THR B 159 8.95 12.48 -1.40
N TYR B 160 8.71 11.25 -1.87
CA TYR B 160 7.49 10.91 -2.59
C TYR B 160 6.25 11.16 -1.75
N ALA B 161 6.41 11.14 -0.43
CA ALA B 161 5.34 11.42 0.53
C ALA B 161 4.84 12.86 0.43
N ASP B 162 5.76 13.78 0.11
CA ASP B 162 5.41 15.18 -0.11
C ASP B 162 4.58 15.36 -1.37
N LEU B 163 4.95 14.64 -2.42
CA LEU B 163 4.24 14.67 -3.69
C LEU B 163 2.90 13.95 -3.58
N ALA B 164 2.86 12.90 -2.77
CA ALA B 164 1.64 12.13 -2.54
C ALA B 164 0.56 12.96 -1.85
N VAL B 165 0.96 13.65 -0.78
CA VAL B 165 0.08 14.58 -0.06
C VAL B 165 -0.39 15.70 -0.97
N PHE B 166 0.54 16.27 -1.74
CA PHE B 166 0.21 17.31 -2.71
C PHE B 166 -0.82 16.81 -3.72
N ASN B 167 -0.55 15.65 -4.31
CA ASN B 167 -1.47 15.02 -5.27
C ASN B 167 -2.85 14.78 -4.66
N LEU B 168 -2.86 14.36 -3.40
CA LEU B 168 -4.09 14.10 -2.66
C LEU B 168 -4.99 15.35 -2.62
N TYR B 169 -4.44 16.45 -2.13
CA TYR B 169 -5.21 17.68 -1.97
C TYR B 169 -5.37 18.47 -3.25
N ASP B 170 -4.46 18.28 -4.20
CA ASP B 170 -4.63 18.81 -5.56
C ASP B 170 -5.84 18.16 -6.22
N ASP B 171 -6.00 16.86 -5.96
CA ASP B 171 -7.13 16.09 -6.47
C ASP B 171 -8.43 16.46 -5.75
N ILE B 172 -8.35 16.62 -4.43
CA ILE B 172 -9.49 17.03 -3.60
C ILE B 172 -10.02 18.42 -3.98
N GLU B 173 -9.10 19.35 -4.22
CA GLU B 173 -9.45 20.74 -4.57
C GLU B 173 -10.10 20.90 -5.96
N THR B 174 -10.03 19.85 -6.77
CA THR B 174 -10.68 19.83 -8.08
C THR B 174 -12.21 19.78 -7.93
N LYS B 175 -12.66 19.24 -6.80
CA LYS B 175 -14.08 19.17 -6.46
C LYS B 175 -14.43 20.03 -5.25
N TYR B 176 -13.48 20.15 -4.32
CA TYR B 176 -13.68 20.91 -3.08
C TYR B 176 -12.57 21.92 -2.84
N PRO B 177 -12.66 23.10 -3.49
CA PRO B 177 -11.68 24.17 -3.27
C PRO B 177 -11.81 24.78 -1.87
N SER B 178 -10.72 25.39 -1.40
CA SER B 178 -10.67 26.02 -0.07
C SER B 178 -10.82 25.03 1.09
N SER B 179 -10.39 23.79 0.87
CA SER B 179 -10.40 22.76 1.91
C SER B 179 -9.21 22.89 2.86
N LEU B 180 -8.21 23.64 2.45
CA LEU B 180 -7.00 23.85 3.24
C LEU B 180 -6.96 25.21 3.94
N LYS B 181 -8.14 25.80 4.14
CA LYS B 181 -8.27 27.09 4.84
C LYS B 181 -7.85 26.98 6.31
N ASN B 182 -8.32 25.92 6.96
CA ASN B 182 -8.06 25.71 8.39
C ASN B 182 -6.79 24.90 8.65
N PHE B 183 -5.98 24.70 7.62
CA PHE B 183 -4.76 23.91 7.73
C PHE B 183 -3.56 24.62 7.09
N PRO B 184 -3.00 25.63 7.80
CA PRO B 184 -1.96 26.53 7.26
C PRO B 184 -0.68 25.83 6.79
N LEU B 185 -0.18 24.89 7.59
CA LEU B 185 1.06 24.16 7.27
C LEU B 185 0.88 23.27 6.04
N LEU B 186 -0.28 22.63 5.97
CA LEU B 186 -0.64 21.78 4.84
C LEU B 186 -0.89 22.62 3.59
N LYS B 187 -1.51 23.79 3.76
CA LYS B 187 -1.76 24.74 2.68
C LYS B 187 -0.46 25.29 2.11
N ALA B 188 0.50 25.59 2.99
CA ALA B 188 1.80 26.10 2.58
C ALA B 188 2.66 25.02 1.94
N HIS B 189 2.51 23.79 2.42
CA HIS B 189 3.17 22.62 1.82
C HIS B 189 2.71 22.40 0.38
N ASN B 190 1.39 22.39 0.18
CA ASN B 190 0.78 22.26 -1.14
C ASN B 190 1.24 23.37 -2.10
N GLU B 191 1.34 24.59 -1.56
CA GLU B 191 1.72 25.76 -2.34
C GLU B 191 3.21 25.74 -2.70
N PHE B 192 4.03 25.24 -1.78
CA PHE B 192 5.47 25.09 -2.01
C PHE B 192 5.77 24.06 -3.10
N ILE B 193 5.07 22.92 -3.06
CA ILE B 193 5.24 21.86 -4.05
C ILE B 193 4.73 22.30 -5.43
N SER B 194 3.60 23.02 -5.43
CA SER B 194 2.98 23.49 -6.68
C SER B 194 3.83 24.52 -7.42
N ASN B 195 4.64 25.27 -6.66
CA ASN B 195 5.48 26.32 -7.23
C ASN B 195 6.91 25.88 -7.58
N LEU B 196 7.18 24.59 -7.41
CA LEU B 196 8.41 23.99 -7.90
C LEU B 196 8.37 23.98 -9.43
N PRO B 197 9.42 24.51 -10.08
CA PRO B 197 9.47 24.73 -11.54
C PRO B 197 8.88 23.58 -12.36
N ASN B 198 9.32 22.35 -12.09
CA ASN B 198 8.87 21.18 -12.84
C ASN B 198 7.41 20.81 -12.59
N ILE B 199 6.95 21.02 -11.36
CA ILE B 199 5.56 20.76 -10.99
C ILE B 199 4.66 21.84 -11.58
N LYS B 200 5.03 23.10 -11.34
CA LYS B 200 4.33 24.27 -11.89
C LYS B 200 4.10 24.12 -13.39
N ASN B 201 5.17 23.77 -14.12
CA ASN B 201 5.10 23.56 -15.57
C ASN B 201 4.14 22.44 -15.96
N TYR B 202 4.18 21.35 -15.19
CA TYR B 202 3.29 20.20 -15.43
C TYR B 202 1.82 20.55 -15.24
N ILE B 203 1.51 21.26 -14.15
CA ILE B 203 0.14 21.67 -13.83
C ILE B 203 -0.46 22.55 -14.94
N THR B 204 0.34 23.48 -15.44
CA THR B 204 -0.09 24.40 -16.50
C THR B 204 -0.40 23.66 -17.80
N ASN B 205 0.44 22.70 -18.14
CA ASN B 205 0.25 21.88 -19.35
C ASN B 205 -0.84 20.82 -19.19
N ARG B 206 -1.14 20.46 -17.95
CA ARG B 206 -2.13 19.44 -17.64
C ARG B 206 -3.56 19.90 -17.97
N LYS B 207 -4.33 19.00 -18.57
CA LYS B 207 -5.72 19.28 -18.95
C LYS B 207 -6.70 18.51 -18.07
#